data_9S70
#
_entry.id   9S70
#
_cell.length_a   76.962
_cell.length_b   76.962
_cell.length_c   80.685
_cell.angle_alpha   90.000
_cell.angle_beta   90.000
_cell.angle_gamma   120.000
#
_symmetry.space_group_name_H-M   'P 32 2 1'
#
loop_
_entity.id
_entity.type
_entity.pdbx_description
1 polymer 'Retinoic acid receptor RXR-alpha'
2 polymer 'Nuclear receptor coactivator 1'
3 non-polymer '3-[[4-cyclobutyl-6-(3,4-dihydro-2~{H}-quinolin-1-yl)pyrimidin-2-yl]amino]propanoic acid'
4 water water
#
loop_
_entity_poly.entity_id
_entity_poly.type
_entity_poly.pdbx_seq_one_letter_code
_entity_poly.pdbx_strand_id
1 'polypeptide(L)'
;SDMPVERILEAELAVEPKTETYVEANMGLNPSSPNDPVTNICQAADKQLFTLVEWAKRIPHFSELPLDDQVILLRAGWNE
LLIASFSHRSIAVKDGILLATGLHVHRNSAHSAGVGAIFDRVLTELVSKMRDMQMDKTELGCLRAIVLFNPDSKGLSNPA
EVEALREKVYASLEAYCKHKYPEQPGRFAKLLLRLPALRSIGLKCLEHLFFFKLIGDTPIDTFLMEMLEAPHQMT
;
A
2 'polypeptide(L)' HSSLTERHKILHRLLQEGSPS B
#
# COMPACT_ATOMS: atom_id res chain seq x y z
N ASP A 2 -2.64 -22.49 -3.42
CA ASP A 2 -1.80 -22.36 -2.19
C ASP A 2 -1.16 -20.95 -2.06
N MET A 3 -1.23 -20.40 -0.86
CA MET A 3 -0.93 -18.99 -0.65
C MET A 3 -0.25 -18.89 0.71
N PRO A 4 1.01 -19.33 0.80
CA PRO A 4 1.65 -19.47 2.11
C PRO A 4 2.04 -18.12 2.70
N VAL A 5 1.67 -17.87 3.96
CA VAL A 5 2.04 -16.55 4.51
C VAL A 5 3.55 -16.38 4.50
N GLU A 6 4.32 -17.47 4.57
CA GLU A 6 5.78 -17.30 4.59
C GLU A 6 6.29 -16.58 3.32
N ARG A 7 5.69 -16.85 2.16
CA ARG A 7 6.13 -16.20 0.92
C ARG A 7 5.71 -14.74 0.92
N ILE A 8 4.57 -14.43 1.57
CA ILE A 8 4.12 -13.05 1.66
C ILE A 8 5.06 -12.25 2.57
N LEU A 9 5.47 -12.84 3.69
CA LEU A 9 6.50 -12.20 4.50
C LEU A 9 7.79 -12.01 3.70
N GLU A 10 8.22 -13.03 2.93
CA GLU A 10 9.45 -12.89 2.15
C GLU A 10 9.37 -11.71 1.19
N ALA A 11 8.20 -11.53 0.54
CA ALA A 11 8.00 -10.37 -0.33
C ALA A 11 8.23 -9.07 0.44
N GLU A 12 7.65 -8.95 1.64
CA GLU A 12 7.89 -7.76 2.46
C GLU A 12 9.39 -7.57 2.75
N LEU A 13 10.05 -8.63 3.27
CA LEU A 13 11.45 -8.52 3.69
C LEU A 13 12.37 -8.29 2.49
N ALA A 14 11.99 -8.79 1.32
CA ALA A 14 12.85 -8.58 0.17
C ALA A 14 12.91 -7.12 -0.27
N VAL A 15 11.87 -6.31 -0.02
CA VAL A 15 11.81 -4.97 -0.59
C VAL A 15 11.90 -3.85 0.44
N GLU A 16 11.89 -4.15 1.74
CA GLU A 16 11.84 -3.04 2.71
C GLU A 16 12.78 -3.32 3.87
N ASP A 36 11.36 21.00 0.04
CA ASP A 36 9.93 21.16 -0.30
C ASP A 36 9.16 19.84 -0.13
N PRO A 37 8.07 19.87 0.65
CA PRO A 37 7.35 18.63 0.99
C PRO A 37 6.77 17.88 -0.21
N VAL A 38 6.14 18.60 -1.15
CA VAL A 38 5.56 17.94 -2.32
C VAL A 38 6.65 17.27 -3.14
N THR A 39 7.78 17.93 -3.30
CA THR A 39 8.87 17.31 -4.06
C THR A 39 9.41 16.08 -3.34
N ASN A 40 9.56 16.17 -2.01
CA ASN A 40 9.99 15.01 -1.23
C ASN A 40 8.98 13.86 -1.30
N ILE A 41 7.69 14.17 -1.15
CA ILE A 41 6.67 13.12 -1.30
C ILE A 41 6.72 12.52 -2.71
N CYS A 42 6.71 13.36 -3.76
CA CYS A 42 6.66 12.85 -5.13
C CYS A 42 7.89 12.01 -5.47
N GLN A 43 9.09 12.47 -5.06
CA GLN A 43 10.29 11.68 -5.32
C GLN A 43 10.26 10.34 -4.60
N ALA A 44 9.83 10.34 -3.33
CA ALA A 44 9.72 9.05 -2.64
C ALA A 44 8.64 8.16 -3.27
N ALA A 45 7.53 8.74 -3.73
CA ALA A 45 6.50 7.91 -4.37
C ALA A 45 7.01 7.27 -5.67
N ASP A 46 7.74 8.03 -6.47
CA ASP A 46 8.29 7.49 -7.72
C ASP A 46 9.24 6.35 -7.43
N LYS A 47 10.13 6.55 -6.45
CA LYS A 47 11.07 5.50 -6.04
C LYS A 47 10.34 4.23 -5.61
N GLN A 48 9.32 4.37 -4.77
CA GLN A 48 8.61 3.20 -4.25
C GLN A 48 7.68 2.54 -5.28
N LEU A 49 7.26 3.26 -6.32
CA LEU A 49 6.49 2.60 -7.37
C LEU A 49 7.30 1.48 -8.00
N PHE A 50 8.59 1.73 -8.27
CA PHE A 50 9.44 0.67 -8.82
C PHE A 50 9.54 -0.50 -7.84
N THR A 51 9.78 -0.19 -6.58
CA THR A 51 9.81 -1.23 -5.55
C THR A 51 8.49 -2.01 -5.50
N LEU A 52 7.37 -1.32 -5.68
CA LEU A 52 6.06 -1.96 -5.53
C LEU A 52 5.87 -3.04 -6.58
N VAL A 53 6.36 -2.80 -7.81
CA VAL A 53 6.27 -3.80 -8.86
C VAL A 53 7.07 -5.05 -8.48
N GLU A 54 8.27 -4.86 -7.89
CA GLU A 54 9.07 -6.00 -7.46
C GLU A 54 8.36 -6.76 -6.34
N TRP A 55 7.71 -6.03 -5.43
CA TRP A 55 6.99 -6.66 -4.34
C TRP A 55 5.82 -7.48 -4.87
N ALA A 56 5.07 -6.91 -5.82
CA ALA A 56 3.88 -7.62 -6.29
C ALA A 56 4.27 -8.91 -7.00
N LYS A 57 5.36 -8.87 -7.78
CA LYS A 57 5.83 -10.07 -8.46
C LYS A 57 6.21 -11.19 -7.49
N ARG A 58 6.54 -10.84 -6.24
CA ARG A 58 6.86 -11.83 -5.21
C ARG A 58 5.66 -12.34 -4.41
N ILE A 59 4.46 -11.81 -4.66
CA ILE A 59 3.24 -12.33 -4.04
C ILE A 59 2.78 -13.54 -4.84
N PRO A 60 2.61 -14.72 -4.21
CA PRO A 60 2.25 -15.93 -4.94
C PRO A 60 1.10 -15.68 -5.91
N HIS A 61 1.28 -16.09 -7.20
CA HIS A 61 0.27 -16.17 -8.24
C HIS A 61 -0.07 -14.83 -8.86
N PHE A 62 0.44 -13.72 -8.33
CA PHE A 62 0.15 -12.44 -8.96
C PHE A 62 0.64 -12.42 -10.42
N SER A 63 1.91 -12.84 -10.65
CA SER A 63 2.47 -12.82 -12.00
C SER A 63 1.88 -13.90 -12.93
N GLU A 64 1.03 -14.78 -12.42
CA GLU A 64 0.26 -15.70 -13.26
C GLU A 64 -1.02 -15.10 -13.80
N LEU A 65 -1.49 -13.97 -13.26
CA LEU A 65 -2.66 -13.32 -13.83
C LEU A 65 -2.34 -12.80 -15.25
N PRO A 66 -3.36 -12.61 -16.10
CA PRO A 66 -3.10 -11.93 -17.38
C PRO A 66 -2.38 -10.60 -17.14
N LEU A 67 -1.42 -10.27 -18.02
CA LEU A 67 -0.65 -9.05 -17.84
C LEU A 67 -1.57 -7.84 -17.68
N ASP A 68 -2.60 -7.73 -18.51
CA ASP A 68 -3.48 -6.57 -18.42
C ASP A 68 -4.17 -6.49 -17.08
N ASP A 69 -4.50 -7.64 -16.46
CA ASP A 69 -5.06 -7.60 -15.12
C ASP A 69 -4.04 -7.16 -14.07
N GLN A 70 -2.77 -7.59 -14.21
CA GLN A 70 -1.76 -7.10 -13.26
C GLN A 70 -1.65 -5.59 -13.32
N VAL A 71 -1.71 -5.03 -14.53
CA VAL A 71 -1.65 -3.58 -14.74
C VAL A 71 -2.81 -2.92 -14.03
N ILE A 72 -3.99 -3.50 -14.19
CA ILE A 72 -5.21 -2.92 -13.60
C ILE A 72 -5.12 -2.95 -12.08
N LEU A 73 -4.63 -4.06 -11.51
CA LEU A 73 -4.60 -4.14 -10.05
C LEU A 73 -3.62 -3.15 -9.46
N LEU A 74 -2.45 -3.02 -10.04
CA LEU A 74 -1.49 -2.07 -9.50
C LEU A 74 -1.95 -0.63 -9.69
N ARG A 75 -2.58 -0.31 -10.84
CA ARG A 75 -3.12 1.05 -11.03
C ARG A 75 -4.24 1.35 -10.04
N ALA A 76 -5.05 0.34 -9.72
CA ALA A 76 -6.10 0.56 -8.73
C ALA A 76 -5.56 0.71 -7.31
N GLY A 77 -4.46 0.04 -6.97
CA GLY A 77 -4.17 -0.02 -5.53
C GLY A 77 -2.85 0.62 -5.12
N TRP A 78 -2.03 1.10 -6.08
CA TRP A 78 -0.69 1.56 -5.71
C TRP A 78 -0.75 2.61 -4.59
N ASN A 79 -1.76 3.49 -4.58
CA ASN A 79 -1.81 4.52 -3.55
C ASN A 79 -1.98 3.90 -2.15
N GLU A 80 -2.92 2.96 -1.99
CA GLU A 80 -3.10 2.33 -0.68
C GLU A 80 -1.89 1.46 -0.32
N LEU A 81 -1.30 0.79 -1.33
CA LEU A 81 -0.14 -0.07 -1.05
C LEU A 81 1.05 0.73 -0.48
N LEU A 82 1.33 1.92 -1.04
CA LEU A 82 2.38 2.79 -0.52
C LEU A 82 2.03 3.36 0.85
N ILE A 83 0.77 3.78 1.04
CA ILE A 83 0.38 4.33 2.34
C ILE A 83 0.55 3.28 3.43
N ALA A 84 0.13 2.07 3.15
CA ALA A 84 0.21 1.03 4.18
C ALA A 84 1.66 0.83 4.59
N SER A 85 2.58 0.81 3.60
CA SER A 85 4.01 0.63 3.90
C SER A 85 4.57 1.82 4.68
N PHE A 86 4.28 3.06 4.29
CA PHE A 86 4.99 4.12 5.02
C PHE A 86 4.38 4.29 6.39
N SER A 87 3.12 3.92 6.54
CA SER A 87 2.48 3.97 7.86
C SER A 87 3.13 2.97 8.81
N HIS A 88 3.32 1.72 8.36
CA HIS A 88 3.93 0.73 9.24
C HIS A 88 5.36 1.11 9.55
N ARG A 89 6.06 1.65 8.54
CA ARG A 89 7.45 2.07 8.74
C ARG A 89 7.53 3.15 9.82
N SER A 90 6.46 3.94 9.99
CA SER A 90 6.53 5.12 10.87
C SER A 90 6.08 4.83 12.33
N ILE A 91 5.90 3.57 12.71
CA ILE A 91 5.30 3.32 14.03
C ILE A 91 6.27 3.71 15.17
N ALA A 92 7.55 3.82 14.89
CA ALA A 92 8.46 4.26 15.94
C ALA A 92 8.90 5.72 15.74
N VAL A 93 8.33 6.40 14.75
CA VAL A 93 8.63 7.80 14.50
C VAL A 93 7.68 8.64 15.36
N LYS A 94 8.24 9.64 16.04
CA LYS A 94 7.45 10.56 16.87
C LYS A 94 6.71 11.56 15.98
N ASP A 95 5.39 11.47 15.93
CA ASP A 95 4.51 12.42 15.24
C ASP A 95 4.98 12.77 13.81
N GLY A 96 5.20 11.75 12.99
CA GLY A 96 5.59 12.04 11.63
C GLY A 96 5.67 10.76 10.83
N ILE A 97 6.03 10.94 9.55
CA ILE A 97 6.12 9.86 8.58
C ILE A 97 7.54 9.78 8.04
N LEU A 98 8.13 8.59 8.11
CA LEU A 98 9.43 8.33 7.52
C LEU A 98 9.19 7.89 6.07
N LEU A 99 9.63 8.72 5.12
CA LEU A 99 9.57 8.38 3.71
C LEU A 99 10.63 7.34 3.37
N ALA A 100 10.44 6.66 2.24
CA ALA A 100 11.40 5.63 1.86
C ALA A 100 12.76 6.20 1.48
N THR A 101 12.83 7.50 1.24
CA THR A 101 14.11 8.17 0.97
C THR A 101 14.90 8.49 2.23
N GLY A 102 14.33 8.26 3.40
CA GLY A 102 14.95 8.65 4.64
C GLY A 102 14.56 10.02 5.14
N LEU A 103 13.85 10.82 4.33
CA LEU A 103 13.34 12.10 4.79
C LEU A 103 12.02 11.93 5.54
N HIS A 104 11.75 12.86 6.44
CA HIS A 104 10.56 12.85 7.27
C HIS A 104 9.55 13.85 6.78
N VAL A 105 8.27 13.56 7.01
CA VAL A 105 7.20 14.55 6.89
C VAL A 105 6.60 14.73 8.28
N HIS A 106 6.62 15.97 8.79
CA HIS A 106 6.05 16.34 10.08
C HIS A 106 4.86 17.25 9.85
N ARG A 107 4.18 17.65 10.92
CA ARG A 107 2.90 18.31 10.74
C ARG A 107 3.04 19.62 9.98
N ASN A 108 4.07 20.43 10.31
CA ASN A 108 4.30 21.68 9.60
C ASN A 108 4.38 21.48 8.08
N SER A 109 5.26 20.59 7.62
CA SER A 109 5.41 20.49 6.17
C SER A 109 4.18 19.86 5.51
N ALA A 110 3.47 18.95 6.23
CA ALA A 110 2.18 18.48 5.74
C ALA A 110 1.23 19.66 5.48
N HIS A 111 1.10 20.57 6.44
CA HIS A 111 0.29 21.77 6.19
C HIS A 111 0.85 22.58 5.00
N SER A 112 2.17 22.73 4.94
CA SER A 112 2.79 23.40 3.78
C SER A 112 2.44 22.73 2.45
N ALA A 113 2.23 21.42 2.44
CA ALA A 113 1.77 20.75 1.24
C ALA A 113 0.26 20.82 1.06
N GLY A 114 -0.44 21.50 1.97
CA GLY A 114 -1.89 21.52 2.00
C GLY A 114 -2.52 20.18 2.40
N VAL A 115 -1.79 19.32 3.11
CA VAL A 115 -2.29 17.98 3.41
C VAL A 115 -2.34 17.71 4.91
N GLY A 116 -2.39 18.80 5.72
CA GLY A 116 -2.43 18.68 7.18
C GLY A 116 -3.49 17.72 7.69
N ALA A 117 -4.73 17.89 7.23
CA ALA A 117 -5.84 17.05 7.72
C ALA A 117 -5.62 15.57 7.41
N ILE A 118 -5.24 15.25 6.17
CA ILE A 118 -5.01 13.85 5.81
C ILE A 118 -3.80 13.29 6.56
N PHE A 119 -2.78 14.12 6.76
CA PHE A 119 -1.62 13.68 7.54
C PHE A 119 -2.05 13.21 8.93
N ASP A 120 -2.84 14.04 9.62
CA ASP A 120 -3.39 13.68 10.92
C ASP A 120 -4.19 12.36 10.86
N ARG A 121 -4.96 12.12 9.80
CA ARG A 121 -5.68 10.85 9.65
C ARG A 121 -4.72 9.67 9.53
N VAL A 122 -3.66 9.81 8.73
CA VAL A 122 -2.66 8.73 8.67
C VAL A 122 -2.15 8.41 10.07
N LEU A 123 -1.83 9.45 10.88
CA LEU A 123 -1.29 9.18 12.22
C LEU A 123 -2.34 8.54 13.14
N THR A 124 -3.58 9.04 13.12
CA THR A 124 -4.54 8.53 14.10
C THR A 124 -5.25 7.27 13.60
N GLU A 125 -5.39 7.08 12.27
CA GLU A 125 -6.17 5.95 11.75
C GLU A 125 -5.30 4.77 11.38
N LEU A 126 -4.03 5.02 11.06
CA LEU A 126 -3.12 3.98 10.58
C LEU A 126 -1.93 3.82 11.51
N VAL A 127 -1.01 4.81 11.61
CA VAL A 127 0.26 4.59 12.34
C VAL A 127 -0.01 4.19 13.79
N SER A 128 -0.79 5.02 14.52
CA SER A 128 -1.02 4.77 15.94
C SER A 128 -1.74 3.44 16.18
N LYS A 129 -2.66 3.04 15.28
CA LYS A 129 -3.38 1.78 15.46
C LYS A 129 -2.49 0.58 15.16
N MET A 130 -1.61 0.72 14.15
CA MET A 130 -0.61 -0.31 13.90
C MET A 130 0.31 -0.47 15.09
N ARG A 131 0.74 0.67 15.67
CA ARG A 131 1.59 0.64 16.86
C ARG A 131 0.87 -0.04 18.03
N ASP A 132 -0.37 0.40 18.30
CA ASP A 132 -1.13 -0.09 19.45
C ASP A 132 -1.22 -1.61 19.43
N MET A 133 -1.55 -2.19 18.29
CA MET A 133 -1.74 -3.65 18.22
C MET A 133 -0.45 -4.38 17.86
N GLN A 134 0.63 -3.63 17.61
CA GLN A 134 1.90 -4.20 17.18
C GLN A 134 1.74 -5.08 15.94
N MET A 135 1.07 -4.54 14.94
CA MET A 135 0.90 -5.26 13.68
C MET A 135 2.27 -5.72 13.19
N ASP A 136 2.42 -7.03 12.85
CA ASP A 136 3.75 -7.48 12.44
C ASP A 136 3.86 -7.49 10.92
N LYS A 137 5.02 -7.93 10.43
CA LYS A 137 5.26 -7.77 9.01
C LYS A 137 4.51 -8.79 8.17
N THR A 138 4.26 -9.99 8.69
CA THR A 138 3.39 -10.93 7.98
C THR A 138 2.00 -10.33 7.82
N GLU A 139 1.49 -9.75 8.89
CA GLU A 139 0.15 -9.16 8.86
C GLU A 139 0.08 -8.02 7.86
N LEU A 140 1.09 -7.13 7.88
CA LEU A 140 1.11 -6.03 6.93
C LEU A 140 1.17 -6.56 5.52
N GLY A 141 2.04 -7.54 5.27
CA GLY A 141 2.16 -8.08 3.91
C GLY A 141 0.83 -8.67 3.43
N CYS A 142 0.13 -9.38 4.31
CA CYS A 142 -1.16 -9.97 3.93
C CYS A 142 -2.22 -8.92 3.70
N LEU A 143 -2.32 -7.92 4.57
CA LEU A 143 -3.22 -6.79 4.27
C LEU A 143 -2.89 -6.18 2.93
N ARG A 144 -1.61 -5.99 2.65
CA ARG A 144 -1.26 -5.39 1.35
C ARG A 144 -1.62 -6.32 0.20
N ALA A 145 -1.46 -7.64 0.39
CA ALA A 145 -1.84 -8.56 -0.68
C ALA A 145 -3.35 -8.54 -0.94
N ILE A 146 -4.14 -8.42 0.14
CA ILE A 146 -5.59 -8.27 -0.02
C ILE A 146 -5.91 -7.02 -0.85
N VAL A 147 -5.26 -5.91 -0.52
CA VAL A 147 -5.46 -4.66 -1.27
C VAL A 147 -5.08 -4.88 -2.73
N LEU A 148 -3.95 -5.53 -2.97
CA LEU A 148 -3.50 -5.77 -4.34
C LEU A 148 -4.54 -6.57 -5.11
N PHE A 149 -5.00 -7.68 -4.53
CA PHE A 149 -6.00 -8.51 -5.20
C PHE A 149 -7.39 -7.91 -4.96
N ASN A 150 -7.60 -6.69 -5.52
CA ASN A 150 -8.88 -6.01 -5.39
C ASN A 150 -9.81 -6.41 -6.53
N PRO A 151 -10.84 -7.25 -6.30
CA PRO A 151 -11.70 -7.71 -7.40
C PRO A 151 -12.65 -6.64 -7.92
N ASP A 152 -12.71 -5.46 -7.29
CA ASP A 152 -13.57 -4.39 -7.82
C ASP A 152 -12.84 -3.49 -8.80
N SER A 153 -11.54 -3.73 -9.04
CA SER A 153 -10.78 -2.95 -10.00
C SER A 153 -11.44 -3.02 -11.38
N LYS A 154 -11.60 -1.86 -12.02
CA LYS A 154 -12.41 -1.77 -13.24
C LYS A 154 -11.71 -2.32 -14.47
N GLY A 155 -12.39 -3.18 -15.22
CA GLY A 155 -11.86 -3.68 -16.47
C GLY A 155 -11.12 -5.00 -16.35
N LEU A 156 -11.07 -5.61 -15.16
CA LEU A 156 -10.43 -6.91 -15.04
C LEU A 156 -11.09 -7.91 -15.97
N SER A 157 -10.30 -8.86 -16.49
CA SER A 157 -10.84 -9.84 -17.44
C SER A 157 -11.71 -10.87 -16.73
N ASN A 158 -11.35 -11.22 -15.51
CA ASN A 158 -12.16 -12.14 -14.69
C ASN A 158 -12.08 -11.69 -13.23
N PRO A 159 -12.94 -10.73 -12.82
CA PRO A 159 -12.89 -10.24 -11.41
C PRO A 159 -12.92 -11.35 -10.36
N ALA A 160 -13.71 -12.41 -10.61
CA ALA A 160 -13.81 -13.50 -9.63
C ALA A 160 -12.49 -14.22 -9.43
N GLU A 161 -11.62 -14.27 -10.46
CA GLU A 161 -10.32 -14.89 -10.25
C GLU A 161 -9.52 -14.10 -9.23
N VAL A 162 -9.64 -12.76 -9.26
CA VAL A 162 -8.95 -11.94 -8.28
C VAL A 162 -9.59 -12.12 -6.91
N GLU A 163 -10.93 -12.24 -6.85
CA GLU A 163 -11.59 -12.53 -5.57
C GLU A 163 -11.09 -13.86 -5.01
N ALA A 164 -10.91 -14.86 -5.88
CA ALA A 164 -10.41 -16.14 -5.41
C ALA A 164 -9.03 -15.99 -4.75
N LEU A 165 -8.15 -15.21 -5.38
CA LEU A 165 -6.82 -15.01 -4.78
C LEU A 165 -6.92 -14.23 -3.47
N ARG A 166 -7.77 -13.21 -3.43
CA ARG A 166 -7.99 -12.49 -2.18
C ARG A 166 -8.42 -13.46 -1.06
N GLU A 167 -9.39 -14.34 -1.36
CA GLU A 167 -9.89 -15.25 -0.34
C GLU A 167 -8.79 -16.19 0.13
N LYS A 168 -7.87 -16.62 -0.76
CA LYS A 168 -6.77 -17.46 -0.28
C LYS A 168 -5.82 -16.68 0.65
N VAL A 169 -5.61 -15.38 0.37
CA VAL A 169 -4.78 -14.57 1.26
C VAL A 169 -5.43 -14.45 2.63
N TYR A 170 -6.72 -14.07 2.69
CA TYR A 170 -7.21 -13.83 4.04
C TYR A 170 -7.49 -15.12 4.81
N ALA A 171 -7.68 -16.24 4.11
CA ALA A 171 -7.70 -17.53 4.79
C ALA A 171 -6.37 -17.80 5.47
N SER A 172 -5.26 -17.58 4.73
CA SER A 172 -3.92 -17.80 5.29
C SER A 172 -3.64 -16.82 6.43
N LEU A 173 -4.05 -15.54 6.26
CA LEU A 173 -3.89 -14.55 7.32
C LEU A 173 -4.60 -14.99 8.60
N GLU A 174 -5.86 -15.40 8.48
CA GLU A 174 -6.59 -15.77 9.69
C GLU A 174 -5.91 -16.92 10.42
N ALA A 175 -5.48 -17.97 9.68
CA ALA A 175 -4.80 -19.10 10.30
C ALA A 175 -3.51 -18.66 11.00
N TYR A 176 -2.76 -17.76 10.37
CA TYR A 176 -1.55 -17.19 10.99
C TYR A 176 -1.91 -16.48 12.30
N CYS A 177 -2.90 -15.58 12.25
CA CYS A 177 -3.31 -14.86 13.46
C CYS A 177 -3.76 -15.81 14.58
N LYS A 178 -4.56 -16.82 14.22
CA LYS A 178 -5.10 -17.70 15.25
C LYS A 178 -4.01 -18.57 15.84
N HIS A 179 -2.94 -18.83 15.09
CA HIS A 179 -1.83 -19.65 15.57
C HIS A 179 -0.85 -18.83 16.41
N LYS A 180 -0.50 -17.63 15.95
CA LYS A 180 0.49 -16.82 16.63
C LYS A 180 -0.11 -16.02 17.78
N TYR A 181 -1.38 -15.59 17.66
CA TYR A 181 -2.05 -14.73 18.64
C TYR A 181 -3.38 -15.33 19.07
N PRO A 182 -3.39 -16.58 19.55
CA PRO A 182 -4.68 -17.19 19.87
C PRO A 182 -5.35 -16.48 21.03
N GLU A 183 -4.61 -15.73 21.87
CA GLU A 183 -5.23 -15.01 22.98
C GLU A 183 -5.92 -13.74 22.51
N GLN A 184 -5.89 -13.45 21.21
CA GLN A 184 -6.53 -12.27 20.63
C GLN A 184 -7.49 -12.75 19.53
N PRO A 185 -8.62 -13.38 19.89
CA PRO A 185 -9.50 -13.97 18.87
C PRO A 185 -10.03 -12.97 17.87
N GLY A 186 -10.17 -11.69 18.28
CA GLY A 186 -10.63 -10.61 17.39
C GLY A 186 -9.57 -9.97 16.51
N ARG A 187 -8.33 -10.47 16.52
CA ARG A 187 -7.24 -9.75 15.84
C ARG A 187 -7.39 -9.76 14.30
N PHE A 188 -7.79 -10.90 13.73
CA PHE A 188 -7.98 -10.95 12.27
C PHE A 188 -8.99 -9.90 11.79
N ALA A 189 -10.17 -9.84 12.43
CA ALA A 189 -11.13 -8.82 12.03
C ALA A 189 -10.60 -7.42 12.28
N LYS A 190 -9.86 -7.23 13.39
CA LYS A 190 -9.28 -5.90 13.67
C LYS A 190 -8.35 -5.46 12.53
N LEU A 191 -7.55 -6.37 11.98
CA LEU A 191 -6.68 -6.03 10.84
C LEU A 191 -7.53 -5.64 9.64
N LEU A 192 -8.47 -6.50 9.27
CA LEU A 192 -9.31 -6.20 8.12
C LEU A 192 -10.05 -4.87 8.30
N LEU A 193 -10.38 -4.52 9.51
CA LEU A 193 -11.17 -3.29 9.70
C LEU A 193 -10.33 -2.02 9.74
N ARG A 194 -9.01 -2.07 9.44
CA ARG A 194 -8.26 -0.87 9.06
C ARG A 194 -8.35 -0.59 7.56
N LEU A 195 -8.91 -1.53 6.77
CA LEU A 195 -8.92 -1.31 5.31
C LEU A 195 -9.88 -0.20 4.84
N PRO A 196 -11.06 0.00 5.46
CA PRO A 196 -11.87 1.19 5.07
C PRO A 196 -11.10 2.52 5.28
N ALA A 197 -10.45 2.68 6.44
CA ALA A 197 -9.60 3.85 6.67
C ALA A 197 -8.51 3.97 5.59
N LEU A 198 -7.83 2.86 5.29
CA LEU A 198 -6.80 2.94 4.25
C LEU A 198 -7.41 3.38 2.92
N ARG A 199 -8.63 2.89 2.63
CA ARG A 199 -9.29 3.23 1.36
C ARG A 199 -9.60 4.75 1.28
N SER A 200 -10.18 5.32 2.33
CA SER A 200 -10.52 6.74 2.20
C SER A 200 -9.28 7.61 2.30
N ILE A 201 -8.30 7.20 3.09
CA ILE A 201 -7.05 7.96 3.12
C ILE A 201 -6.37 7.92 1.75
N GLY A 202 -6.41 6.76 1.10
CA GLY A 202 -5.80 6.61 -0.22
C GLY A 202 -6.48 7.45 -1.27
N LEU A 203 -7.82 7.55 -1.19
CA LEU A 203 -8.58 8.43 -2.08
C LEU A 203 -8.18 9.89 -1.90
N LYS A 204 -8.08 10.36 -0.65
CA LYS A 204 -7.73 11.77 -0.40
C LYS A 204 -6.30 12.07 -0.80
N CYS A 205 -5.36 11.17 -0.51
CA CYS A 205 -3.97 11.35 -0.96
C CYS A 205 -3.87 11.49 -2.48
N LEU A 206 -4.59 10.63 -3.22
CA LEU A 206 -4.61 10.69 -4.68
C LEU A 206 -5.19 12.00 -5.21
N GLU A 207 -6.25 12.50 -4.58
CA GLU A 207 -6.81 13.77 -5.02
C GLU A 207 -5.77 14.89 -4.92
N HIS A 208 -4.96 14.87 -3.87
CA HIS A 208 -3.89 15.87 -3.77
C HIS A 208 -2.80 15.62 -4.79
N LEU A 209 -2.39 14.37 -4.99
CA LEU A 209 -1.37 14.08 -6.01
C LEU A 209 -1.83 14.55 -7.38
N PHE A 210 -3.11 14.34 -7.72
CA PHE A 210 -3.64 14.84 -9.00
C PHE A 210 -3.53 16.36 -9.08
N PHE A 211 -3.92 17.02 -8.00
CA PHE A 211 -3.75 18.47 -7.91
C PHE A 211 -2.30 18.87 -8.14
N PHE A 212 -1.36 18.22 -7.43
CA PHE A 212 0.05 18.56 -7.64
C PHE A 212 0.42 18.44 -9.11
N LYS A 213 -0.08 17.41 -9.78
CA LYS A 213 0.25 17.21 -11.19
C LYS A 213 -0.39 18.30 -12.04
N LEU A 214 -1.64 18.65 -11.74
CA LEU A 214 -2.37 19.64 -12.53
C LEU A 214 -1.69 21.00 -12.50
N ILE A 215 -1.11 21.40 -11.36
CA ILE A 215 -0.50 22.72 -11.26
C ILE A 215 0.96 22.72 -11.64
N GLY A 216 1.54 21.54 -11.96
CA GLY A 216 2.92 21.49 -12.37
C GLY A 216 3.92 21.46 -11.26
N ASP A 217 3.57 20.90 -10.09
CA ASP A 217 4.50 20.71 -8.98
C ASP A 217 5.11 19.32 -8.95
N THR A 218 4.75 18.45 -9.88
CA THR A 218 5.33 17.10 -9.86
C THR A 218 6.48 16.99 -10.84
N PRO A 219 7.55 16.28 -10.49
CA PRO A 219 8.58 15.97 -11.48
C PRO A 219 7.91 15.42 -12.73
N ILE A 220 8.32 15.93 -13.89
CA ILE A 220 7.76 15.42 -15.15
C ILE A 220 8.56 14.20 -15.61
N ASP A 221 7.92 13.39 -16.45
CA ASP A 221 8.58 12.26 -17.13
C ASP A 221 8.96 11.12 -16.18
N THR A 222 8.05 10.78 -15.28
CA THR A 222 8.27 9.80 -14.24
C THR A 222 7.29 8.65 -14.35
N PHE A 223 7.64 7.53 -13.73
CA PHE A 223 6.67 6.47 -13.49
C PHE A 223 5.45 7.02 -12.76
N LEU A 224 5.68 7.90 -11.77
CA LEU A 224 4.59 8.48 -11.00
C LEU A 224 3.58 9.20 -11.91
N MET A 225 4.07 9.99 -12.87
CA MET A 225 3.18 10.69 -13.79
C MET A 225 2.31 9.72 -14.59
N GLU A 226 2.87 8.59 -15.03
CA GLU A 226 2.06 7.59 -15.73
C GLU A 226 0.97 7.04 -14.82
N MET A 227 1.30 6.77 -13.56
CA MET A 227 0.28 6.29 -12.63
C MET A 227 -0.83 7.31 -12.45
N LEU A 228 -0.50 8.59 -12.51
CA LEU A 228 -1.52 9.63 -12.50
C LEU A 228 -1.95 9.86 -13.97
N HIS B 8 -0.07 2.83 -20.44
CA HIS B 8 0.71 2.49 -19.25
C HIS B 8 1.90 1.65 -19.67
N LYS B 9 2.71 2.23 -20.57
CA LYS B 9 3.87 1.53 -21.11
C LYS B 9 4.88 1.15 -20.02
N ILE B 10 5.10 2.03 -19.04
CA ILE B 10 6.14 1.75 -18.04
C ILE B 10 5.75 0.58 -17.14
N LEU B 11 4.56 0.67 -16.52
CA LEU B 11 4.09 -0.42 -15.66
C LEU B 11 4.08 -1.74 -16.41
N HIS B 12 3.50 -1.73 -17.62
CA HIS B 12 3.37 -2.92 -18.47
C HIS B 12 4.72 -3.57 -18.72
N ARG B 13 5.76 -2.74 -18.93
CA ARG B 13 7.11 -3.24 -19.17
C ARG B 13 7.78 -3.81 -17.90
N LEU B 14 7.76 -3.05 -16.80
CA LEU B 14 8.44 -3.51 -15.58
C LEU B 14 7.90 -4.86 -15.09
N LEU B 15 6.60 -5.10 -15.28
CA LEU B 15 5.97 -6.34 -14.90
C LEU B 15 6.52 -7.55 -15.65
N GLN B 16 7.11 -7.36 -16.84
CA GLN B 16 7.66 -8.46 -17.67
C GLN B 16 9.20 -8.77 -17.52
#